data_3Q00
#
_entry.id   3Q00
#
_cell.length_a   54.040
_cell.length_b   54.040
_cell.length_c   137.080
_cell.angle_alpha   90.00
_cell.angle_beta   90.00
_cell.angle_gamma   120.00
#
_symmetry.space_group_name_H-M   'P 32 2 1'
#
loop_
_entity.id
_entity.type
_entity.pdbx_description
1 polymer 'Cationic trypsin'
2 non-polymer 'CALCIUM ION'
3 non-polymer N~2~-(benzylsulfonyl)-D-arginyl-N-(4-carbamimidoylbenzyl)glycinamide
4 non-polymer 'SULFATE ION'
5 non-polymer 2,5,8,11,14,17,20,23,26,29,32,35,38,41,44,47,50,53,56,59,62,65,68,71,74,77,80-HEPTACOSAOXADOOCTACONTAN-82-OL
6 water water
#
_entity_poly.entity_id   1
_entity_poly.type   'polypeptide(L)'
_entity_poly.pdbx_seq_one_letter_code
;IVGGYTCGANTVPYQVSLNSGYHFCGGSLINSQWVVSAAHCYKSGIQVRLGEDNINVVEGNEQFISASKSIVHPSYNSET
YNNDIMLIKLKSAASLNSRVASISLPTSCASAGTQCLISGWGNTKSSGTSYPDVLKCLKAPILSDSSCKSASSFIITSNM
FCAGYLEGGKDACQGDSGGPVVCSGKLQGIVSWGEGCAQKNKPGIYTKVCNYVSWIKQTIASN
;
_entity_poly.pdbx_strand_id   A
#
# COMPACT_ATOMS: atom_id res chain seq x y z
N ILE A 1 -5.98 -2.78 8.93
CA ILE A 1 -5.54 -1.66 9.80
C ILE A 1 -6.04 -1.92 11.21
N VAL A 2 -5.12 -2.06 12.16
CA VAL A 2 -5.48 -2.21 13.58
C VAL A 2 -5.36 -0.85 14.27
N GLY A 3 -6.39 -0.49 15.05
CA GLY A 3 -6.40 0.77 15.80
C GLY A 3 -6.60 2.04 14.99
N GLY A 4 -7.13 1.91 13.77
CA GLY A 4 -7.40 3.07 12.93
C GLY A 4 -8.86 3.50 13.06
N TYR A 5 -9.37 4.12 12.00
CA TYR A 5 -10.73 4.63 12.00
C TYR A 5 -11.32 4.46 10.60
N THR A 6 -12.65 4.47 10.53
CA THR A 6 -13.32 4.47 9.21
C THR A 6 -12.97 5.72 8.45
N CYS A 7 -12.37 5.57 7.26
CA CYS A 7 -11.91 6.73 6.49
C CYS A 7 -13.02 7.68 6.12
N GLY A 8 -14.14 7.10 5.70
CA GLY A 8 -15.23 7.84 5.05
C GLY A 8 -15.20 7.51 3.56
N ALA A 9 -16.36 7.25 2.98
CA ALA A 9 -16.39 6.81 1.59
C ALA A 9 -15.66 7.75 0.65
N ASN A 10 -14.71 7.19 -0.10
CA ASN A 10 -13.96 7.87 -1.17
C ASN A 10 -13.11 9.06 -0.76
N THR A 11 -12.79 9.12 0.54
CA THR A 11 -11.92 10.16 1.07
C THR A 11 -10.46 9.85 0.81
N VAL A 12 -10.17 8.62 0.35
CA VAL A 12 -8.82 8.21 -0.06
C VAL A 12 -8.92 7.76 -1.52
N PRO A 13 -9.07 8.73 -2.47
CA PRO A 13 -9.52 8.36 -3.82
C PRO A 13 -8.49 7.63 -4.68
N TYR A 14 -7.22 7.60 -4.25
CA TYR A 14 -6.17 6.80 -4.91
C TYR A 14 -6.11 5.33 -4.40
N GLN A 15 -6.87 4.99 -3.35
CA GLN A 15 -6.83 3.64 -2.78
C GLN A 15 -7.57 2.69 -3.72
N VAL A 16 -6.89 1.62 -4.14
CA VAL A 16 -7.57 0.58 -4.91
C VAL A 16 -7.58 -0.75 -4.14
N SER A 17 -8.51 -1.63 -4.54
CA SER A 17 -8.62 -3.00 -4.03
C SER A 17 -8.26 -3.90 -5.20
N LEU A 18 -7.31 -4.82 -4.98
CA LEU A 18 -7.00 -5.84 -5.99
C LEU A 18 -7.84 -7.06 -5.68
N ASN A 19 -8.49 -7.57 -6.71
CA ASN A 19 -9.50 -8.61 -6.53
C ASN A 19 -9.26 -9.73 -7.51
N SER A 20 -9.27 -10.97 -6.99
CA SER A 20 -9.19 -12.17 -7.82
C SER A 20 -10.34 -13.11 -7.38
N GLY A 21 -11.54 -12.54 -7.28
CA GLY A 21 -12.73 -13.23 -6.78
C GLY A 21 -13.08 -12.81 -5.36
N TYR A 22 -12.18 -12.04 -4.77
CA TYR A 22 -12.28 -11.53 -3.40
C TYR A 22 -11.15 -10.52 -3.29
N HIS A 23 -11.30 -9.56 -2.40
CA HIS A 23 -10.22 -8.59 -2.13
C HIS A 23 -9.02 -9.33 -1.53
N PHE A 24 -7.81 -9.08 -2.03
CA PHE A 24 -6.62 -9.73 -1.43
C PHE A 24 -5.45 -8.80 -1.14
N CYS A 25 -5.55 -7.55 -1.58
CA CYS A 25 -4.45 -6.59 -1.47
C CYS A 25 -4.95 -5.23 -1.82
N GLY A 26 -4.21 -4.24 -1.33
CA GLY A 26 -4.40 -2.87 -1.71
C GLY A 26 -3.42 -2.44 -2.80
N GLY A 27 -3.56 -1.18 -3.21
CA GLY A 27 -2.68 -0.59 -4.24
C GLY A 27 -3.00 0.89 -4.36
N SER A 28 -2.17 1.63 -5.11
CA SER A 28 -2.36 3.08 -5.26
C SER A 28 -2.40 3.43 -6.72
N LEU A 29 -3.38 4.24 -7.13
CA LEU A 29 -3.50 4.69 -8.51
C LEU A 29 -2.52 5.85 -8.74
N ILE A 30 -1.59 5.69 -9.67
CA ILE A 30 -0.59 6.76 -9.92
C ILE A 30 -0.76 7.55 -11.22
N ASN A 31 -1.52 6.98 -12.15
CA ASN A 31 -2.11 7.73 -13.28
C ASN A 31 -3.31 6.94 -13.79
N SER A 32 -4.00 7.40 -14.83
CA SER A 32 -5.23 6.74 -15.25
C SER A 32 -5.04 5.29 -15.69
N GLN A 33 -3.81 4.87 -15.96
CA GLN A 33 -3.63 3.52 -16.48
C GLN A 33 -2.75 2.62 -15.61
N TRP A 34 -2.28 3.13 -14.47
CA TRP A 34 -1.27 2.39 -13.72
C TRP A 34 -1.48 2.42 -12.22
N VAL A 35 -1.27 1.26 -11.60
CA VAL A 35 -1.36 1.08 -10.16
C VAL A 35 -0.02 0.60 -9.60
N VAL A 36 0.35 1.11 -8.43
CA VAL A 36 1.53 0.62 -7.70
C VAL A 36 1.04 -0.25 -6.55
N SER A 37 1.61 -1.45 -6.42
CA SER A 37 1.28 -2.31 -5.28
C SER A 37 2.56 -3.00 -4.79
N ALA A 38 2.41 -4.04 -3.97
CA ALA A 38 3.58 -4.79 -3.46
C ALA A 38 3.85 -5.95 -4.40
N ALA A 39 5.13 -6.31 -4.58
CA ALA A 39 5.45 -7.52 -5.31
C ALA A 39 4.86 -8.77 -4.66
N HIS A 40 4.77 -8.78 -3.32
CA HIS A 40 4.22 -9.98 -2.66
C HIS A 40 2.72 -10.13 -2.87
N CYS A 41 2.09 -9.11 -3.47
CA CYS A 41 0.70 -9.20 -3.94
C CYS A 41 0.55 -9.81 -5.32
N TYR A 42 1.66 -10.18 -5.96
CA TYR A 42 1.57 -10.69 -7.33
C TYR A 42 0.60 -11.91 -7.37
N LYS A 43 -0.23 -11.95 -8.40
CA LYS A 43 -1.21 -13.01 -8.63
C LYS A 43 -1.57 -12.94 -10.11
N SER A 44 -1.83 -14.08 -10.75
CA SER A 44 -2.38 -14.05 -12.10
CA SER A 44 -2.37 -14.04 -12.09
C SER A 44 -3.85 -13.62 -12.00
N GLY A 45 -4.35 -12.98 -13.04
CA GLY A 45 -5.77 -12.65 -13.13
C GLY A 45 -6.32 -11.64 -12.13
N ILE A 46 -5.61 -10.51 -11.99
CA ILE A 46 -6.00 -9.45 -11.07
C ILE A 46 -7.03 -8.53 -11.72
N GLN A 47 -8.09 -8.20 -10.99
CA GLN A 47 -8.95 -7.08 -11.36
C GLN A 47 -8.74 -5.93 -10.40
N VAL A 48 -8.55 -4.74 -10.94
CA VAL A 48 -8.36 -3.54 -10.12
C VAL A 48 -9.73 -2.91 -9.86
N ARG A 49 -10.03 -2.64 -8.58
CA ARG A 49 -11.28 -2.01 -8.21
C ARG A 49 -11.03 -0.61 -7.64
N LEU A 50 -11.47 0.38 -8.41
CA LEU A 50 -11.30 1.81 -8.09
C LEU A 50 -12.59 2.36 -7.53
N GLY A 51 -12.50 3.45 -6.77
CA GLY A 51 -13.69 4.13 -6.21
C GLY A 51 -14.45 3.32 -5.16
N GLU A 52 -13.79 2.36 -4.52
CA GLU A 52 -14.43 1.48 -3.53
C GLU A 52 -14.51 2.10 -2.16
N ASP A 53 -15.64 1.90 -1.49
CA ASP A 53 -15.64 2.03 -0.03
C ASP A 53 -16.01 0.68 0.57
N ASN A 54 -17.31 0.34 0.59
CA ASN A 54 -17.69 -0.98 1.01
C ASN A 54 -17.39 -1.93 -0.16
N ILE A 55 -16.47 -2.86 0.06
CA ILE A 55 -16.02 -3.73 -1.04
C ILE A 55 -17.00 -4.89 -1.29
N ASN A 56 -18.07 -4.93 -0.50
CA ASN A 56 -19.10 -5.98 -0.65
C ASN A 56 -20.45 -5.41 -1.12
N VAL A 57 -20.49 -4.12 -1.43
CA VAL A 57 -21.72 -3.44 -1.90
C VAL A 57 -21.42 -2.58 -3.10
N VAL A 58 -22.19 -2.68 -4.19
CA VAL A 58 -21.97 -1.77 -5.31
C VAL A 58 -22.65 -0.48 -4.90
N GLU A 59 -21.86 0.55 -4.62
CA GLU A 59 -22.39 1.76 -3.98
C GLU A 59 -22.54 2.88 -4.98
N GLY A 60 -21.91 2.73 -6.14
CA GLY A 60 -22.15 3.61 -7.28
C GLY A 60 -20.96 4.36 -7.83
N ASN A 61 -19.81 4.31 -7.15
CA ASN A 61 -18.64 5.05 -7.69
C ASN A 61 -17.47 4.17 -8.13
N GLU A 62 -17.72 2.89 -8.17
CA GLU A 62 -16.72 1.89 -8.55
C GLU A 62 -16.40 1.88 -10.04
N GLN A 63 -15.13 1.62 -10.34
CA GLN A 63 -14.72 1.19 -11.67
C GLN A 63 -13.93 -0.10 -11.46
N PHE A 64 -14.35 -1.16 -12.16
CA PHE A 64 -13.65 -2.44 -12.13
C PHE A 64 -12.94 -2.56 -13.48
N ILE A 65 -11.63 -2.78 -13.45
CA ILE A 65 -10.82 -2.82 -14.68
C ILE A 65 -9.79 -3.93 -14.52
N SER A 66 -9.73 -4.83 -15.51
CA SER A 66 -8.79 -5.96 -15.43
C SER A 66 -7.35 -5.49 -15.68
N ALA A 67 -6.38 -6.15 -15.06
CA ALA A 67 -4.98 -5.84 -15.35
C ALA A 67 -4.67 -6.35 -16.74
N SER A 68 -3.95 -5.57 -17.54
CA SER A 68 -3.39 -6.12 -18.80
C SER A 68 -1.98 -6.68 -18.63
N LYS A 69 -1.26 -6.16 -17.63
CA LYS A 69 0.12 -6.54 -17.42
C LYS A 69 0.46 -6.32 -15.96
N SER A 70 1.21 -7.25 -15.37
CA SER A 70 1.82 -7.06 -14.05
C SER A 70 3.33 -7.05 -14.24
N ILE A 71 4.01 -6.15 -13.52
CA ILE A 71 5.48 -6.09 -13.56
C ILE A 71 6.02 -6.01 -12.15
N VAL A 72 6.49 -7.15 -11.68
CA VAL A 72 7.17 -7.21 -10.39
C VAL A 72 8.58 -6.64 -10.56
N HIS A 73 9.07 -5.97 -9.52
CA HIS A 73 10.38 -5.34 -9.62
C HIS A 73 11.44 -6.39 -10.00
N PRO A 74 12.35 -6.04 -10.92
CA PRO A 74 13.34 -7.02 -11.35
C PRO A 74 14.06 -7.69 -10.19
N SER A 75 14.28 -6.94 -9.10
CA SER A 75 15.10 -7.49 -8.01
C SER A 75 14.32 -7.85 -6.75
N TYR A 76 13.00 -8.02 -6.88
CA TYR A 76 12.19 -8.46 -5.76
C TYR A 76 12.74 -9.77 -5.23
N ASN A 77 12.85 -9.82 -3.91
CA ASN A 77 13.35 -11.00 -3.25
C ASN A 77 12.31 -11.37 -2.21
N SER A 78 11.66 -12.51 -2.43
CA SER A 78 10.54 -12.93 -1.59
C SER A 78 10.94 -13.39 -0.18
N GLU A 79 12.22 -13.67 0.06
CA GLU A 79 12.67 -14.10 1.38
C GLU A 79 12.96 -12.90 2.28
N THR A 80 13.47 -11.82 1.68
CA THR A 80 13.79 -10.61 2.48
C THR A 80 12.75 -9.50 2.36
N TYR A 81 11.91 -9.61 1.34
CA TYR A 81 10.96 -8.55 0.93
C TYR A 81 11.66 -7.30 0.37
N ASN A 82 12.95 -7.43 0.06
CA ASN A 82 13.65 -6.31 -0.58
C ASN A 82 13.05 -6.07 -1.95
N ASN A 83 12.83 -4.79 -2.28
CA ASN A 83 12.22 -4.40 -3.59
C ASN A 83 10.78 -4.91 -3.74
N ASP A 84 10.02 -4.77 -2.66
CA ASP A 84 8.63 -5.25 -2.64
C ASP A 84 7.71 -4.23 -3.31
N ILE A 85 7.78 -4.24 -4.63
CA ILE A 85 6.99 -3.28 -5.41
C ILE A 85 6.63 -3.88 -6.75
N MET A 86 5.44 -3.54 -7.24
CA MET A 86 4.92 -4.10 -8.49
C MET A 86 4.06 -3.04 -9.14
N LEU A 87 4.19 -2.94 -10.46
CA LEU A 87 3.33 -2.07 -11.25
C LEU A 87 2.30 -2.95 -11.95
N ILE A 88 1.09 -2.40 -12.09
CA ILE A 88 -0.02 -3.10 -12.76
C ILE A 88 -0.60 -2.10 -13.74
N LYS A 89 -0.65 -2.51 -15.00
CA LYS A 89 -1.30 -1.68 -16.03
C LYS A 89 -2.72 -2.16 -16.21
N LEU A 90 -3.63 -1.20 -16.32
CA LEU A 90 -5.03 -1.47 -16.50
C LEU A 90 -5.30 -1.65 -17.98
N LYS A 91 -6.23 -2.56 -18.30
CA LYS A 91 -6.61 -2.81 -19.69
C LYS A 91 -7.16 -1.56 -20.39
N SER A 92 -7.83 -0.70 -19.61
CA SER A 92 -8.38 0.56 -20.12
C SER A 92 -8.17 1.66 -19.10
N ALA A 93 -8.14 2.92 -19.55
CA ALA A 93 -7.85 4.01 -18.64
C ALA A 93 -9.03 4.25 -17.73
N ALA A 94 -8.75 4.45 -16.46
CA ALA A 94 -9.79 4.77 -15.49
C ALA A 94 -10.35 6.14 -15.84
N SER A 95 -11.61 6.37 -15.53
CA SER A 95 -12.19 7.69 -15.67
CA SER A 95 -12.22 7.69 -15.66
C SER A 95 -11.96 8.45 -14.37
N LEU A 96 -11.01 9.38 -14.40
CA LEU A 96 -10.62 10.16 -13.21
C LEU A 96 -11.72 11.14 -12.82
N ASN A 97 -12.00 11.21 -11.53
CA ASN A 97 -12.99 12.12 -10.96
C ASN A 97 -12.63 12.36 -9.50
N SER A 98 -13.49 13.01 -8.73
CA SER A 98 -13.11 13.36 -7.36
C SER A 98 -12.99 12.13 -6.46
N ARG A 99 -13.67 11.04 -6.83
CA ARG A 99 -13.65 9.79 -6.07
C ARG A 99 -12.64 8.75 -6.59
N VAL A 100 -12.04 9.02 -7.75
CA VAL A 100 -11.05 8.14 -8.38
C VAL A 100 -9.93 9.02 -8.91
N ALA A 101 -8.86 9.12 -8.13
CA ALA A 101 -7.84 10.13 -8.35
C ALA A 101 -6.48 9.52 -8.13
N SER A 102 -5.48 10.02 -8.84
CA SER A 102 -4.14 9.51 -8.71
C SER A 102 -3.39 10.27 -7.62
N ILE A 103 -2.36 9.62 -7.08
CA ILE A 103 -1.53 10.23 -6.05
C ILE A 103 -0.16 10.41 -6.64
N SER A 104 0.49 11.53 -6.30
CA SER A 104 1.83 11.86 -6.80
C SER A 104 2.91 10.95 -6.23
N LEU A 105 3.90 10.68 -7.06
CA LEU A 105 5.14 10.08 -6.62
C LEU A 105 6.00 11.13 -5.93
N PRO A 106 6.86 10.69 -5.00
CA PRO A 106 7.67 11.68 -4.30
C PRO A 106 8.82 12.15 -5.18
N THR A 107 9.34 13.35 -4.89
CA THR A 107 10.56 13.80 -5.54
C THR A 107 11.74 13.67 -4.58
N SER A 108 11.46 13.71 -3.28
CA SER A 108 12.46 13.43 -2.24
C SER A 108 11.89 12.43 -1.24
N CYS A 109 12.77 11.70 -0.57
CA CYS A 109 12.37 10.80 0.51
C CYS A 109 11.85 11.60 1.71
N ALA A 110 11.01 10.96 2.51
CA ALA A 110 10.42 11.60 3.68
C ALA A 110 11.32 11.39 4.92
N SER A 111 11.31 12.37 5.83
CA SER A 111 12.14 12.27 7.02
CA SER A 111 12.15 12.30 7.04
C SER A 111 11.37 11.71 8.22
N ALA A 112 12.09 10.99 9.09
CA ALA A 112 11.52 10.47 10.34
C ALA A 112 10.78 11.58 11.08
N GLY A 113 9.61 11.22 11.64
CA GLY A 113 8.75 12.19 12.30
C GLY A 113 7.64 12.74 11.45
N THR A 114 7.78 12.64 10.12
CA THR A 114 6.72 13.04 9.20
C THR A 114 5.46 12.21 9.41
N GLN A 115 4.31 12.87 9.31
CA GLN A 115 3.02 12.18 9.51
C GLN A 115 2.55 11.64 8.15
N CYS A 116 2.13 10.39 8.14
CA CYS A 116 1.62 9.76 6.92
C CYS A 116 0.23 9.16 7.17
N LEU A 117 -0.46 8.86 6.07
CA LEU A 117 -1.74 8.17 6.13
C LEU A 117 -1.62 6.79 5.48
N ILE A 118 -1.95 5.76 6.26
CA ILE A 118 -1.94 4.37 5.79
C ILE A 118 -3.39 3.89 5.75
N SER A 119 -3.77 3.21 4.68
CA SER A 119 -5.16 2.80 4.57
C SER A 119 -5.31 1.39 3.97
N GLY A 120 -6.44 0.74 4.23
CA GLY A 120 -6.72 -0.56 3.62
C GLY A 120 -7.89 -1.31 4.24
N TRP A 121 -8.20 -2.47 3.66
CA TRP A 121 -9.31 -3.31 4.12
C TRP A 121 -8.80 -4.56 4.83
N GLY A 122 -7.62 -4.47 5.42
CA GLY A 122 -7.03 -5.61 6.10
C GLY A 122 -7.56 -5.81 7.50
N ASN A 123 -7.05 -6.84 8.16
CA ASN A 123 -7.45 -7.23 9.52
C ASN A 123 -7.38 -6.05 10.49
N THR A 124 -8.42 -5.92 11.33
CA THR A 124 -8.50 -4.83 12.30
C THR A 124 -8.17 -5.29 13.73
N LYS A 125 -7.81 -6.56 13.89
CA LYS A 125 -7.45 -7.05 15.22
C LYS A 125 -5.98 -7.53 15.24
N SER A 126 -5.30 -7.24 16.34
CA SER A 126 -3.89 -7.65 16.51
C SER A 126 -3.82 -9.13 16.87
N SER A 127 -4.90 -9.62 17.47
CA SER A 127 -5.05 -11.03 17.75
C SER A 127 -6.46 -11.40 17.36
N GLY A 128 -6.61 -12.51 16.66
CA GLY A 128 -7.92 -12.81 16.12
C GLY A 128 -8.10 -12.21 14.74
N THR A 129 -9.33 -12.22 14.26
CA THR A 129 -9.61 -11.90 12.88
C THR A 129 -10.93 -11.16 12.74
N SER A 130 -10.87 -10.00 12.12
CA SER A 130 -12.08 -9.32 11.70
C SER A 130 -11.71 -8.47 10.51
N TYR A 131 -12.30 -8.79 9.36
CA TYR A 131 -12.04 -8.03 8.14
C TYR A 131 -13.15 -7.06 7.86
N PRO A 132 -12.81 -5.77 7.76
CA PRO A 132 -13.83 -4.75 7.55
C PRO A 132 -14.30 -4.74 6.12
N ASP A 133 -15.52 -4.26 5.91
CA ASP A 133 -16.02 -4.06 4.57
C ASP A 133 -15.76 -2.66 4.03
N VAL A 134 -15.63 -1.67 4.92
CA VAL A 134 -15.32 -0.29 4.49
C VAL A 134 -13.86 0.01 4.74
N LEU A 135 -13.34 1.02 4.05
CA LEU A 135 -11.91 1.35 4.09
C LEU A 135 -11.55 1.97 5.45
N LYS A 136 -10.46 1.48 6.04
CA LYS A 136 -9.95 1.96 7.31
C LYS A 136 -8.68 2.79 7.07
N CYS A 137 -8.43 3.72 7.98
CA CYS A 137 -7.35 4.68 7.88
C CYS A 137 -6.58 4.73 9.19
N LEU A 138 -5.32 5.11 9.07
CA LEU A 138 -4.42 5.24 10.24
C LEU A 138 -3.42 6.32 9.94
N LYS A 139 -3.30 7.32 10.82
CA LYS A 139 -2.24 8.33 10.73
C LYS A 139 -1.09 7.76 11.53
N ALA A 140 0.12 7.82 10.97
CA ALA A 140 1.25 7.15 11.59
C ALA A 140 2.52 7.87 11.15
N PRO A 141 3.46 8.08 12.10
CA PRO A 141 4.74 8.72 11.75
C PRO A 141 5.82 7.74 11.25
N ILE A 142 6.70 8.21 10.37
CA ILE A 142 7.91 7.47 10.01
C ILE A 142 8.86 7.43 11.22
N LEU A 143 9.37 6.24 11.53
CA LEU A 143 10.28 5.96 12.64
C LEU A 143 11.75 6.03 12.19
N SER A 144 12.64 6.17 13.17
CA SER A 144 14.08 6.02 12.96
C SER A 144 14.41 4.63 12.41
N ASP A 145 15.31 4.58 11.42
CA ASP A 145 15.78 3.28 10.88
C ASP A 145 16.42 2.42 11.96
N SER A 146 17.21 3.03 12.85
CA SER A 146 17.89 2.29 13.91
C SER A 146 16.91 1.49 14.77
N SER A 147 15.85 2.15 15.25
CA SER A 147 14.80 1.50 16.03
C SER A 147 14.12 0.43 15.20
N CYS A 148 13.83 0.77 13.95
CA CYS A 148 13.36 -0.20 12.96
C CYS A 148 14.25 -1.45 13.00
N LYS A 149 15.56 -1.27 12.94
CA LYS A 149 16.47 -2.41 12.86
C LYS A 149 16.54 -3.24 14.16
N SER A 150 16.48 -2.55 15.30
CA SER A 150 16.52 -3.26 16.60
C SER A 150 15.29 -4.16 16.80
N ALA A 151 14.17 -3.72 16.22
CA ALA A 151 12.88 -4.41 16.30
C ALA A 151 12.82 -5.78 15.56
N SER A 152 13.84 -6.12 14.79
CA SER A 152 13.77 -7.34 14.00
C SER A 152 15.09 -8.11 13.96
N SER A 153 14.95 -9.44 13.86
CA SER A 153 16.08 -10.33 13.59
CA SER A 153 16.07 -10.34 13.59
C SER A 153 16.26 -10.53 12.09
N PHE A 154 15.33 -9.97 11.31
CA PHE A 154 15.36 -10.05 9.84
C PHE A 154 15.96 -8.77 9.28
N ILE A 155 16.43 -8.86 8.05
CA ILE A 155 17.08 -7.71 7.43
C ILE A 155 16.07 -6.61 7.08
N ILE A 156 16.46 -5.38 7.43
CA ILE A 156 15.78 -4.18 7.02
C ILE A 156 16.79 -3.49 6.11
N THR A 157 16.46 -3.38 4.82
CA THR A 157 17.38 -2.79 3.84
C THR A 157 17.11 -1.29 3.64
N SER A 158 17.93 -0.67 2.80
CA SER A 158 17.82 0.76 2.54
C SER A 158 16.57 1.05 1.68
N ASN A 159 15.93 -0.02 1.21
CA ASN A 159 14.67 0.07 0.45
C ASN A 159 13.42 -0.12 1.30
N MET A 160 13.62 -0.02 2.62
CA MET A 160 12.52 -0.20 3.55
C MET A 160 12.59 0.93 4.56
N PHE A 161 11.43 1.31 5.10
CA PHE A 161 11.38 2.16 6.30
C PHE A 161 10.31 1.65 7.27
N CYS A 162 10.41 2.07 8.54
CA CYS A 162 9.44 1.68 9.59
C CYS A 162 8.52 2.87 9.82
N ALA A 163 7.23 2.59 10.03
CA ALA A 163 6.29 3.65 10.43
C ALA A 163 5.31 3.04 11.42
N GLY A 164 4.83 3.86 12.35
CA GLY A 164 3.83 3.41 13.31
C GLY A 164 4.21 3.66 14.75
N TYR A 165 4.10 2.59 15.56
CA TYR A 165 4.12 2.65 17.07
C TYR A 165 4.73 1.40 17.76
N LEU A 166 5.85 1.59 18.46
CA LEU A 166 6.60 0.47 19.08
C LEU A 166 5.91 -0.10 20.33
N GLU A 167 5.01 0.72 20.88
CA GLU A 167 4.12 0.40 22.01
C GLU A 167 2.81 -0.28 21.61
N GLY A 168 2.67 -0.65 20.34
CA GLY A 168 1.54 -1.46 19.90
C GLY A 168 0.20 -0.75 19.80
N GLY A 169 -0.80 -1.46 19.27
CA GLY A 169 -2.16 -0.92 19.22
C GLY A 169 -2.56 -0.32 17.89
N LYS A 170 -1.59 0.17 17.11
CA LYS A 170 -1.89 0.86 15.87
C LYS A 170 -0.88 0.46 14.78
N ASP A 171 -1.36 -0.14 13.69
CA ASP A 171 -0.49 -0.72 12.67
C ASP A 171 -1.35 -1.07 11.45
N ALA A 172 -0.68 -1.31 10.32
CA ALA A 172 -1.32 -2.01 9.20
C ALA A 172 -1.29 -3.52 9.50
N CYS A 173 -1.98 -4.34 8.72
CA CYS A 173 -2.02 -5.79 8.99
C CYS A 173 -2.23 -6.60 7.72
N GLN A 174 -2.43 -7.91 7.82
CA GLN A 174 -2.67 -8.74 6.64
C GLN A 174 -3.91 -8.22 5.91
N GLY A 175 -3.85 -8.19 4.58
CA GLY A 175 -4.97 -7.60 3.81
C GLY A 175 -4.74 -6.16 3.43
N ASP A 176 -3.89 -5.45 4.19
CA ASP A 176 -3.47 -4.08 3.85
C ASP A 176 -2.32 -4.08 2.83
N SER A 177 -1.66 -5.22 2.70
CA SER A 177 -0.54 -5.44 1.77
C SER A 177 -0.71 -4.69 0.48
N GLY A 178 0.34 -4.00 0.02
CA GLY A 178 0.33 -3.40 -1.31
C GLY A 178 -0.27 -1.99 -1.28
N GLY A 179 -0.96 -1.66 -0.20
CA GLY A 179 -1.61 -0.36 -0.09
C GLY A 179 -0.67 0.81 0.22
N PRO A 180 -1.21 2.02 0.19
CA PRO A 180 -0.44 3.27 0.28
C PRO A 180 -0.03 3.67 1.70
N VAL A 181 1.13 4.30 1.77
CA VAL A 181 1.53 5.15 2.88
C VAL A 181 1.84 6.50 2.23
N VAL A 182 0.96 7.48 2.49
CA VAL A 182 1.03 8.76 1.83
C VAL A 182 1.42 9.82 2.87
N CYS A 183 2.48 10.56 2.54
CA CYS A 183 3.03 11.56 3.44
C CYS A 183 3.14 12.85 2.66
N SER A 184 2.46 13.87 3.16
CA SER A 184 2.43 15.19 2.52
C SER A 184 2.11 15.13 1.02
N GLY A 185 1.09 14.32 0.70
CA GLY A 185 0.55 14.31 -0.63
C GLY A 185 1.38 13.45 -1.58
N LYS A 186 2.37 12.73 -1.04
CA LYS A 186 3.26 11.88 -1.88
C LYS A 186 3.16 10.42 -1.45
N LEU A 187 3.16 9.51 -2.42
CA LEU A 187 3.21 8.09 -2.11
C LEU A 187 4.62 7.68 -1.68
N GLN A 188 4.85 7.56 -0.37
CA GLN A 188 6.20 7.29 0.12
C GLN A 188 6.42 5.83 0.46
N GLY A 189 5.32 5.13 0.76
CA GLY A 189 5.40 3.78 1.24
C GLY A 189 4.39 2.84 0.62
N ILE A 190 4.71 1.54 0.65
CA ILE A 190 3.80 0.46 0.22
C ILE A 190 3.77 -0.55 1.37
N VAL A 191 2.57 -0.97 1.80
CA VAL A 191 2.46 -1.94 2.91
C VAL A 191 3.16 -3.27 2.51
N SER A 192 4.17 -3.65 3.27
CA SER A 192 5.07 -4.73 2.89
C SER A 192 5.05 -5.84 3.92
N TRP A 193 5.65 -5.60 5.10
CA TRP A 193 5.71 -6.66 6.11
C TRP A 193 5.75 -6.17 7.56
N GLY A 194 5.84 -7.14 8.47
CA GLY A 194 5.90 -6.86 9.90
C GLY A 194 5.73 -8.16 10.66
N GLU A 195 6.20 -8.22 11.89
CA GLU A 195 5.99 -9.43 12.68
C GLU A 195 4.66 -9.30 13.46
N GLY A 196 3.65 -10.04 13.03
CA GLY A 196 2.27 -9.89 13.52
C GLY A 196 1.75 -8.49 13.18
N CYS A 197 0.79 -7.99 13.97
CA CYS A 197 0.27 -6.63 13.80
C CYS A 197 0.03 -5.93 15.12
N ALA A 198 0.56 -4.72 15.26
CA ALA A 198 0.18 -3.79 16.31
C ALA A 198 0.78 -4.29 17.55
N GLN A 199 1.79 -5.24 17.38
CA GLN A 199 2.45 -5.79 18.55
C GLN A 199 3.52 -4.83 19.08
N LYS A 200 3.77 -4.89 20.44
CA LYS A 200 4.83 -4.07 20.99
C LYS A 200 6.19 -4.47 20.39
N ASN A 201 7.00 -3.49 20.01
CA ASN A 201 8.30 -3.69 19.31
C ASN A 201 8.25 -4.34 17.93
N LYS A 202 7.08 -4.36 17.31
CA LYS A 202 6.97 -4.89 15.96
C LYS A 202 6.04 -3.96 15.17
N PRO A 203 6.54 -2.74 14.85
CA PRO A 203 5.91 -1.81 13.91
C PRO A 203 6.01 -2.29 12.48
N GLY A 204 5.37 -1.55 11.57
CA GLY A 204 5.22 -2.00 10.22
C GLY A 204 6.42 -1.60 9.40
N ILE A 205 6.75 -2.46 8.43
CA ILE A 205 7.84 -2.19 7.51
C ILE A 205 7.23 -1.90 6.14
N TYR A 206 7.70 -0.81 5.50
CA TYR A 206 7.10 -0.29 4.25
C TYR A 206 8.16 -0.18 3.17
N THR A 207 7.80 -0.50 1.92
CA THR A 207 8.73 -0.33 0.77
C THR A 207 8.96 1.16 0.56
N LYS A 208 10.24 1.55 0.43
CA LYS A 208 10.60 2.95 0.35
C LYS A 208 10.49 3.52 -1.08
N VAL A 209 9.30 4.01 -1.42
CA VAL A 209 8.96 4.37 -2.81
C VAL A 209 9.92 5.38 -3.44
N CYS A 210 10.43 6.32 -2.65
CA CYS A 210 11.32 7.34 -3.22
C CYS A 210 12.54 6.73 -3.93
N ASN A 211 12.89 5.51 -3.56
CA ASN A 211 14.01 4.83 -4.18
C ASN A 211 13.71 4.30 -5.57
N TYR A 212 12.43 4.29 -5.94
CA TYR A 212 11.99 3.61 -7.14
C TYR A 212 11.40 4.50 -8.21
N VAL A 213 11.49 5.81 -8.02
CA VAL A 213 10.80 6.71 -8.94
C VAL A 213 11.33 6.62 -10.38
N SER A 214 12.65 6.50 -10.57
CA SER A 214 13.23 6.36 -11.91
CA SER A 214 13.21 6.36 -11.92
C SER A 214 12.69 5.09 -12.58
N TRP A 215 12.74 3.97 -11.84
CA TRP A 215 12.18 2.70 -12.35
C TRP A 215 10.70 2.83 -12.73
N ILE A 216 9.92 3.44 -11.85
CA ILE A 216 8.49 3.59 -12.13
C ILE A 216 8.32 4.42 -13.41
N LYS A 217 8.97 5.58 -13.48
CA LYS A 217 8.75 6.48 -14.64
C LYS A 217 9.20 5.81 -15.97
N GLN A 218 10.36 5.15 -15.95
CA GLN A 218 10.91 4.49 -17.17
C GLN A 218 10.03 3.33 -17.61
N THR A 219 9.59 2.54 -16.64
CA THR A 219 8.73 1.40 -16.95
C THR A 219 7.44 1.87 -17.58
N ILE A 220 6.79 2.86 -16.97
CA ILE A 220 5.52 3.36 -17.50
C ILE A 220 5.70 3.92 -18.92
N ALA A 221 6.83 4.59 -19.17
CA ALA A 221 7.08 5.24 -20.47
C ALA A 221 7.24 4.20 -21.58
N SER A 222 7.72 3.01 -21.21
CA SER A 222 8.07 1.98 -22.19
C SER A 222 7.02 0.91 -22.34
N ASN A 223 5.91 1.04 -21.60
CA ASN A 223 4.90 -0.03 -21.58
C ASN A 223 3.52 0.55 -21.73
#